data_6PU0
#
_entry.id   6PU0
#
_cell.length_a   54.099
_cell.length_b   86.578
_cell.length_c   104.267
_cell.angle_alpha   90.000
_cell.angle_beta   90.000
_cell.angle_gamma   90.000
#
_symmetry.space_group_name_H-M   'P 21 21 21'
#
loop_
_entity.id
_entity.type
_entity.pdbx_description
1 polymer Cryptochrome-1
2 non-polymer 'FLAVIN-ADENINE DINUCLEOTIDE'
3 non-polymer 'TRIETHYLENE GLYCOL'
4 non-polymer 1,2-ETHANEDIOL
5 non-polymer DI(HYDROXYETHYL)ETHER
6 non-polymer GLYCEROL
7 water water
#
_entity_poly.entity_id   1
_entity_poly.type   'polypeptide(L)'
_entity_poly.pdbx_seq_one_letter_code
;GAMGSMPHRTIHLFRKGLRLHDNPTLLAALESSETIYPVYVLDRRFLASAMHIGALRWHFLLQSLEDLHKNLSRLGARLL
VIQGEYESVLRDHVQKWNITQVTLDAEMEPFYKEMEANIRRLGAELGFEVLSRVGHSLYDTKRILDLNGGSPPLTYKRFL
HILSQLGDPEVPVRNLTAEDFQRCMSPEPGLAERYRVPVPADLEIPPQSLSPWTGGETEGLRRLEQHLTDQGWVANFTKP
RTIPNSLLPSTTGLSPYFSMGCLSVRTFFQRLSNIYAQAKHHSLPPVSLQGQLLWREFFYTVASATQNFTQMAGNPICLQ
IHWYEDAERLHKWKTAQTGFPWIDAIMTQLRQEGWIHHLARHAVACFLTRGDLWISWEEGMKVFEELLLDADYSINAGNW
MWLSASAFFHHYTRIFCPVRFGKRTDPEGQYIRKYLPVLKNFPTKYIYEPWTASEEEQRQAGCIIGRDYPFPMVNHKEAS
DRNLQLMRRVREEQRGTAQLTR
;
_entity_poly.pdbx_strand_id   A
#
loop_
_chem_comp.id
_chem_comp.type
_chem_comp.name
_chem_comp.formula
EDO non-polymer 1,2-ETHANEDIOL 'C2 H6 O2'
FAD non-polymer 'FLAVIN-ADENINE DINUCLEOTIDE' 'C27 H33 N9 O15 P2'
GOL non-polymer GLYCEROL 'C3 H8 O3'
PEG non-polymer DI(HYDROXYETHYL)ETHER 'C4 H10 O3'
PGE non-polymer 'TRIETHYLENE GLYCOL' 'C6 H14 O4'
#
# COMPACT_ATOMS: atom_id res chain seq x y z
N MET A 6 -16.02 -25.64 -23.40
CA MET A 6 -15.09 -25.42 -22.29
C MET A 6 -15.74 -25.87 -20.98
N PRO A 7 -15.15 -26.87 -20.34
CA PRO A 7 -15.88 -27.67 -19.35
C PRO A 7 -16.18 -27.02 -17.99
N HIS A 8 -15.29 -26.16 -17.48
CA HIS A 8 -15.31 -25.85 -16.05
C HIS A 8 -16.48 -24.98 -15.63
N ARG A 9 -16.95 -25.21 -14.41
CA ARG A 9 -17.77 -24.24 -13.69
C ARG A 9 -16.88 -23.65 -12.60
N THR A 10 -16.70 -22.32 -12.61
CA THR A 10 -15.59 -21.71 -11.90
C THR A 10 -16.00 -20.60 -10.95
N ILE A 11 -15.34 -20.56 -9.80
CA ILE A 11 -15.35 -19.38 -8.92
C ILE A 11 -14.02 -18.67 -9.13
N HIS A 12 -14.08 -17.38 -9.47
CA HIS A 12 -12.89 -16.53 -9.42
C HIS A 12 -12.88 -15.75 -8.13
N LEU A 13 -11.79 -15.82 -7.37
CA LEU A 13 -11.70 -15.14 -6.09
C LEU A 13 -10.89 -13.86 -6.26
N PHE A 14 -11.57 -12.72 -6.28
CA PHE A 14 -10.92 -11.44 -6.14
C PHE A 14 -10.36 -11.30 -4.72
N ARG A 15 -9.13 -10.79 -4.60
CA ARG A 15 -8.57 -10.47 -3.29
C ARG A 15 -7.93 -9.10 -3.43
N LYS A 16 -6.80 -9.02 -4.16
CA LYS A 16 -6.48 -7.80 -4.89
C LYS A 16 -7.10 -7.92 -6.26
N GLY A 17 -6.50 -7.29 -7.27
CA GLY A 17 -6.97 -7.46 -8.64
C GLY A 17 -8.40 -7.03 -8.85
N LEU A 18 -8.82 -5.94 -8.20
CA LEU A 18 -10.19 -5.46 -8.28
C LEU A 18 -10.35 -4.59 -9.54
N ARG A 19 -10.23 -5.27 -10.69
CA ARG A 19 -10.26 -4.60 -11.98
C ARG A 19 -10.63 -5.62 -13.05
N LEU A 20 -11.06 -5.11 -14.19
CA LEU A 20 -11.30 -5.95 -15.36
C LEU A 20 -10.21 -5.83 -16.40
N HIS A 21 -9.54 -4.68 -16.50
CA HIS A 21 -8.40 -4.60 -17.42
C HIS A 21 -7.20 -5.36 -16.86
N ASP A 22 -6.35 -5.87 -17.77
CA ASP A 22 -5.16 -6.68 -17.47
C ASP A 22 -5.37 -7.57 -16.25
N ASN A 23 -6.33 -8.50 -16.34
CA ASN A 23 -6.60 -9.42 -15.24
C ASN A 23 -6.37 -10.81 -15.80
N PRO A 24 -5.13 -11.30 -15.75
CA PRO A 24 -4.83 -12.58 -16.42
C PRO A 24 -5.52 -13.76 -15.78
N THR A 25 -5.76 -13.74 -14.47
CA THR A 25 -6.42 -14.88 -13.83
C THR A 25 -7.88 -14.95 -14.24
N LEU A 26 -8.58 -13.81 -14.16
CA LEU A 26 -9.98 -13.79 -14.57
C LEU A 26 -10.14 -14.12 -16.04
N LEU A 27 -9.19 -13.67 -16.87
CA LEU A 27 -9.19 -14.03 -18.28
C LEU A 27 -9.02 -15.54 -18.46
N ALA A 28 -8.07 -16.13 -17.73
CA ALA A 28 -7.88 -17.58 -17.78
C ALA A 28 -9.12 -18.32 -17.31
N ALA A 29 -9.78 -17.82 -16.26
CA ALA A 29 -11.05 -18.40 -15.82
C ALA A 29 -12.08 -18.38 -16.94
N LEU A 30 -12.24 -17.24 -17.61
CA LEU A 30 -13.29 -17.10 -18.61
C LEU A 30 -13.02 -17.98 -19.82
N GLU A 31 -11.75 -18.14 -20.18
CA GLU A 31 -11.41 -18.90 -21.37
C GLU A 31 -11.55 -20.40 -21.15
N SER A 32 -11.62 -20.85 -19.90
CA SER A 32 -11.64 -22.26 -19.58
C SER A 32 -12.99 -22.74 -19.04
N SER A 33 -14.00 -21.88 -18.98
CA SER A 33 -15.21 -22.18 -18.24
C SER A 33 -16.47 -21.95 -19.07
N GLU A 34 -17.53 -22.69 -18.73
CA GLU A 34 -18.85 -22.46 -19.29
CA GLU A 34 -18.86 -22.47 -19.29
C GLU A 34 -19.72 -21.59 -18.39
N THR A 35 -19.40 -21.53 -17.11
CA THR A 35 -20.11 -20.63 -16.21
C THR A 35 -19.14 -20.16 -15.14
N ILE A 36 -19.35 -18.93 -14.66
CA ILE A 36 -18.39 -18.30 -13.77
C ILE A 36 -19.15 -17.53 -12.69
N TYR A 37 -18.55 -17.50 -11.51
CA TYR A 37 -19.06 -16.74 -10.37
C TYR A 37 -17.94 -15.82 -9.89
N PRO A 38 -17.98 -14.53 -10.24
CA PRO A 38 -16.93 -13.62 -9.77
C PRO A 38 -17.21 -13.21 -8.34
N VAL A 39 -16.34 -13.61 -7.42
CA VAL A 39 -16.63 -13.59 -5.99
C VAL A 39 -15.56 -12.79 -5.25
N TYR A 40 -15.99 -11.98 -4.29
CA TYR A 40 -15.10 -11.42 -3.28
C TYR A 40 -15.55 -11.95 -1.93
N VAL A 41 -14.68 -12.69 -1.25
CA VAL A 41 -15.01 -13.20 0.08
C VAL A 41 -14.56 -12.17 1.10
N LEU A 42 -15.51 -11.61 1.83
CA LEU A 42 -15.20 -10.70 2.93
C LEU A 42 -15.14 -11.55 4.20
N ASP A 43 -13.91 -11.90 4.61
CA ASP A 43 -13.64 -12.81 5.70
C ASP A 43 -13.05 -11.99 6.85
N ARG A 44 -13.90 -11.58 7.78
CA ARG A 44 -13.45 -10.73 8.88
C ARG A 44 -12.47 -11.45 9.79
N ARG A 45 -12.69 -12.73 10.04
CA ARG A 45 -11.79 -13.51 10.87
C ARG A 45 -10.39 -13.59 10.25
N PHE A 46 -10.32 -13.84 8.94
CA PHE A 46 -9.02 -13.89 8.26
C PHE A 46 -8.33 -12.53 8.30
N LEU A 47 -9.05 -11.47 7.96
CA LEU A 47 -8.44 -10.14 7.97
C LEU A 47 -8.02 -9.74 9.38
N ALA A 48 -8.83 -10.09 10.38
CA ALA A 48 -8.46 -9.82 11.76
C ALA A 48 -7.17 -10.51 12.15
N SER A 49 -6.90 -11.68 11.57
CA SER A 49 -5.69 -12.41 11.93
C SER A 49 -4.48 -11.97 11.11
N ALA A 50 -4.67 -11.21 10.03
CA ALA A 50 -3.60 -10.96 9.08
C ALA A 50 -3.28 -9.49 8.85
N MET A 51 -4.16 -8.56 9.21
CA MET A 51 -4.08 -7.19 8.72
C MET A 51 -4.67 -6.23 9.75
N HIS A 52 -4.25 -4.96 9.66
CA HIS A 52 -4.88 -3.87 10.39
C HIS A 52 -5.48 -2.91 9.37
N ILE A 53 -6.77 -2.64 9.49
CA ILE A 53 -7.52 -1.93 8.46
C ILE A 53 -8.32 -0.81 9.13
N GLY A 54 -8.04 0.45 8.72
CA GLY A 54 -8.75 1.58 9.28
C GLY A 54 -10.02 1.88 8.54
N ALA A 55 -10.79 2.82 9.10
CA ALA A 55 -12.08 3.17 8.48
C ALA A 55 -11.92 3.67 7.05
N LEU A 56 -10.91 4.51 6.78
CA LEU A 56 -10.78 5.03 5.42
C LEU A 56 -10.46 3.92 4.42
N ARG A 57 -9.63 2.95 4.83
CA ARG A 57 -9.34 1.81 3.96
C ARG A 57 -10.61 1.01 3.68
N TRP A 58 -11.45 0.80 4.69
CA TRP A 58 -12.70 0.07 4.45
C TRP A 58 -13.57 0.80 3.42
N HIS A 59 -13.67 2.13 3.53
CA HIS A 59 -14.45 2.90 2.55
C HIS A 59 -13.90 2.72 1.14
N PHE A 60 -12.57 2.75 1.00
CA PHE A 60 -11.98 2.63 -0.33
C PHE A 60 -12.24 1.24 -0.89
N LEU A 61 -12.19 0.21 -0.03
CA LEU A 61 -12.49 -1.15 -0.49
C LEU A 61 -13.93 -1.27 -0.98
N LEU A 62 -14.88 -0.78 -0.17
CA LEU A 62 -16.30 -0.89 -0.56
C LEU A 62 -16.57 -0.12 -1.85
N GLN A 63 -15.94 1.06 -2.01
CA GLN A 63 -16.10 1.78 -3.27
C GLN A 63 -15.52 1.00 -4.44
N SER A 64 -14.36 0.35 -4.22
CA SER A 64 -13.76 -0.43 -5.30
C SER A 64 -14.62 -1.64 -5.65
N LEU A 65 -15.23 -2.27 -4.65
CA LEU A 65 -16.15 -3.39 -4.90
C LEU A 65 -17.41 -2.93 -5.61
N GLU A 66 -17.98 -1.80 -5.18
CA GLU A 66 -19.14 -1.23 -5.89
C GLU A 66 -18.82 -1.00 -7.36
N ASP A 67 -17.66 -0.41 -7.63
CA ASP A 67 -17.29 -0.13 -9.02
C ASP A 67 -17.07 -1.42 -9.79
N LEU A 68 -16.42 -2.41 -9.16
CA LEU A 68 -16.22 -3.69 -9.83
C LEU A 68 -17.58 -4.35 -10.15
N HIS A 69 -18.52 -4.30 -9.21
CA HIS A 69 -19.86 -4.82 -9.49
C HIS A 69 -20.49 -4.13 -10.68
N LYS A 70 -20.39 -2.79 -10.73
CA LYS A 70 -20.98 -2.04 -11.84
C LYS A 70 -20.34 -2.40 -13.18
N ASN A 71 -19.01 -2.56 -13.21
CA ASN A 71 -18.33 -2.85 -14.47
C ASN A 71 -18.61 -4.27 -14.96
N LEU A 72 -18.65 -5.24 -14.04
CA LEU A 72 -19.07 -6.58 -14.43
C LEU A 72 -20.52 -6.58 -14.92
N SER A 73 -21.39 -5.82 -14.25
CA SER A 73 -22.79 -5.79 -14.65
C SER A 73 -22.97 -5.21 -16.05
N ARG A 74 -22.13 -4.24 -16.43
CA ARG A 74 -22.22 -3.68 -17.77
C ARG A 74 -21.84 -4.69 -18.84
N LEU A 75 -21.10 -5.74 -18.48
CA LEU A 75 -20.74 -6.76 -19.44
C LEU A 75 -21.69 -7.97 -19.41
N GLY A 76 -22.78 -7.88 -18.66
CA GLY A 76 -23.70 -8.99 -18.50
C GLY A 76 -23.34 -9.96 -17.40
N ALA A 77 -22.53 -9.53 -16.43
CA ALA A 77 -22.12 -10.39 -15.32
C ALA A 77 -22.48 -9.73 -14.00
N ARG A 78 -21.69 -9.97 -12.95
CA ARG A 78 -21.99 -9.45 -11.62
C ARG A 78 -20.81 -9.75 -10.71
N LEU A 79 -20.71 -8.98 -9.62
CA LEU A 79 -19.84 -9.31 -8.50
C LEU A 79 -20.68 -9.95 -7.41
N LEU A 80 -20.14 -11.00 -6.79
CA LEU A 80 -20.82 -11.66 -5.68
C LEU A 80 -19.95 -11.53 -4.44
N VAL A 81 -20.39 -10.70 -3.48
CA VAL A 81 -19.66 -10.52 -2.22
C VAL A 81 -20.25 -11.47 -1.19
N ILE A 82 -19.43 -12.41 -0.71
CA ILE A 82 -19.87 -13.40 0.26
C ILE A 82 -19.16 -13.10 1.58
N GLN A 83 -19.93 -12.96 2.65
CA GLN A 83 -19.38 -12.66 3.97
C GLN A 83 -19.29 -13.95 4.77
N GLY A 84 -18.07 -14.36 5.10
CA GLY A 84 -17.86 -15.53 5.93
C GLY A 84 -16.41 -15.96 5.89
N GLU A 85 -16.12 -17.07 6.56
CA GLU A 85 -14.78 -17.66 6.50
C GLU A 85 -14.59 -18.37 5.17
N TYR A 86 -13.44 -18.16 4.54
CA TYR A 86 -13.30 -18.57 3.14
C TYR A 86 -13.43 -20.08 2.97
N GLU A 87 -13.00 -20.88 3.95
CA GLU A 87 -13.14 -22.32 3.77
C GLU A 87 -14.60 -22.75 3.83
N SER A 88 -15.36 -22.25 4.82
CA SER A 88 -16.78 -22.56 4.91
C SER A 88 -17.54 -22.06 3.69
N VAL A 89 -17.19 -20.84 3.25
CA VAL A 89 -17.84 -20.26 2.07
C VAL A 89 -17.64 -21.14 0.86
N LEU A 90 -16.42 -21.66 0.68
CA LEU A 90 -16.14 -22.52 -0.46
C LEU A 90 -16.82 -23.89 -0.31
N ARG A 91 -16.77 -24.51 0.86
CA ARG A 91 -17.47 -25.79 1.02
C ARG A 91 -18.94 -25.63 0.61
N ASP A 92 -19.57 -24.57 1.11
CA ASP A 92 -20.98 -24.32 0.81
C ASP A 92 -21.19 -24.04 -0.68
N HIS A 93 -20.39 -23.16 -1.27
CA HIS A 93 -20.71 -22.74 -2.62
C HIS A 93 -20.16 -23.66 -3.70
N VAL A 94 -19.10 -24.43 -3.43
CA VAL A 94 -18.73 -25.48 -4.38
C VAL A 94 -19.88 -26.46 -4.54
N GLN A 95 -20.57 -26.76 -3.44
CA GLN A 95 -21.76 -27.61 -3.49
C GLN A 95 -22.90 -26.89 -4.21
N LYS A 96 -23.19 -25.65 -3.81
CA LYS A 96 -24.31 -24.92 -4.40
C LYS A 96 -24.18 -24.77 -5.91
N TRP A 97 -22.97 -24.47 -6.40
CA TRP A 97 -22.78 -24.13 -7.80
C TRP A 97 -22.07 -25.23 -8.58
N ASN A 98 -21.83 -26.40 -7.98
CA ASN A 98 -21.22 -27.53 -8.67
C ASN A 98 -19.89 -27.15 -9.31
N ILE A 99 -19.03 -26.52 -8.50
CA ILE A 99 -17.81 -25.90 -9.01
C ILE A 99 -16.76 -26.96 -9.29
N THR A 100 -16.01 -26.80 -10.39
CA THR A 100 -14.90 -27.67 -10.72
C THR A 100 -13.57 -26.96 -10.79
N GLN A 101 -13.55 -25.63 -10.66
CA GLN A 101 -12.31 -24.87 -10.74
C GLN A 101 -12.44 -23.62 -9.91
N VAL A 102 -11.41 -23.31 -9.14
CA VAL A 102 -11.34 -22.04 -8.42
C VAL A 102 -10.11 -21.31 -8.93
N THR A 103 -10.29 -20.06 -9.33
CA THR A 103 -9.15 -19.26 -9.76
C THR A 103 -8.91 -18.12 -8.78
N LEU A 104 -7.65 -17.73 -8.65
CA LEU A 104 -7.28 -16.65 -7.75
C LEU A 104 -5.90 -16.16 -8.17
N ASP A 105 -5.60 -14.90 -7.88
CA ASP A 105 -4.31 -14.36 -8.27
C ASP A 105 -3.20 -14.94 -7.40
N ALA A 106 -2.03 -15.11 -8.00
CA ALA A 106 -0.86 -15.65 -7.29
C ALA A 106 -0.14 -14.55 -6.48
N GLU A 107 -0.84 -14.03 -5.48
CA GLU A 107 -0.29 -12.98 -4.63
C GLU A 107 0.89 -13.50 -3.83
N MET A 108 1.85 -12.61 -3.52
CA MET A 108 3.05 -13.03 -2.83
C MET A 108 2.99 -12.84 -1.32
N GLU A 109 1.96 -12.18 -0.80
CA GLU A 109 1.90 -11.97 0.65
C GLU A 109 1.78 -13.30 1.36
N PRO A 110 2.56 -13.54 2.43
CA PRO A 110 2.44 -14.82 3.15
C PRO A 110 1.01 -15.17 3.58
N PHE A 111 0.23 -14.21 4.10
CA PHE A 111 -1.14 -14.58 4.50
C PHE A 111 -1.98 -14.98 3.29
N TYR A 112 -1.76 -14.35 2.14
CA TYR A 112 -2.44 -14.76 0.92
C TYR A 112 -1.93 -16.11 0.42
N LYS A 113 -0.63 -16.37 0.56
CA LYS A 113 -0.09 -17.68 0.15
C LYS A 113 -0.65 -18.80 1.03
N GLU A 114 -0.85 -18.54 2.32
CA GLU A 114 -1.41 -19.58 3.18
C GLU A 114 -2.87 -19.84 2.83
N MET A 115 -3.65 -18.78 2.60
CA MET A 115 -5.00 -18.94 2.07
C MET A 115 -4.99 -19.77 0.80
N GLU A 116 -4.10 -19.45 -0.13
CA GLU A 116 -4.02 -20.22 -1.37
C GLU A 116 -3.70 -21.69 -1.10
N ALA A 117 -2.77 -21.95 -0.17
CA ALA A 117 -2.43 -23.33 0.15
C ALA A 117 -3.64 -24.08 0.70
N ASN A 118 -4.42 -23.43 1.57
CA ASN A 118 -5.61 -24.07 2.13
C ASN A 118 -6.67 -24.29 1.07
N ILE A 119 -6.79 -23.38 0.11
CA ILE A 119 -7.76 -23.56 -0.96
C ILE A 119 -7.33 -24.69 -1.87
N ARG A 120 -6.03 -24.83 -2.13
CA ARG A 120 -5.58 -25.97 -2.92
C ARG A 120 -5.85 -27.28 -2.20
N ARG A 121 -5.65 -27.31 -0.88
CA ARG A 121 -5.96 -28.52 -0.10
C ARG A 121 -7.44 -28.84 -0.14
N LEU A 122 -8.30 -27.81 -0.10
CA LEU A 122 -9.74 -28.01 -0.23
C LEU A 122 -10.11 -28.53 -1.61
N GLY A 123 -9.42 -28.05 -2.64
CA GLY A 123 -9.67 -28.57 -3.98
C GLY A 123 -9.38 -30.05 -4.11
N ALA A 124 -8.29 -30.50 -3.48
CA ALA A 124 -7.96 -31.93 -3.54
C ALA A 124 -9.04 -32.77 -2.86
N GLU A 125 -9.77 -32.19 -1.91
CA GLU A 125 -10.79 -32.90 -1.17
C GLU A 125 -12.15 -32.84 -1.87
N LEU A 126 -12.53 -31.67 -2.38
CA LEU A 126 -13.88 -31.43 -2.89
C LEU A 126 -14.01 -31.65 -4.38
N GLY A 127 -12.89 -31.71 -5.10
CA GLY A 127 -12.91 -31.95 -6.53
C GLY A 127 -12.93 -30.69 -7.38
N PHE A 128 -12.06 -29.71 -7.08
CA PHE A 128 -11.89 -28.59 -8.00
C PHE A 128 -10.40 -28.34 -8.22
N GLU A 129 -10.05 -28.01 -9.46
CA GLU A 129 -8.70 -27.59 -9.77
C GLU A 129 -8.53 -26.12 -9.37
N VAL A 130 -7.28 -25.75 -9.11
CA VAL A 130 -6.95 -24.37 -8.74
C VAL A 130 -6.00 -23.82 -9.79
N LEU A 131 -6.32 -22.64 -10.30
CA LEU A 131 -5.50 -21.96 -11.29
C LEU A 131 -5.19 -20.56 -10.79
N SER A 132 -3.93 -20.16 -10.91
CA SER A 132 -3.52 -18.83 -10.53
C SER A 132 -2.68 -18.21 -11.63
N ARG A 133 -2.76 -16.88 -11.74
CA ARG A 133 -1.82 -16.10 -12.54
C ARG A 133 -1.37 -14.90 -11.72
N VAL A 134 -0.20 -14.37 -12.06
CA VAL A 134 0.34 -13.19 -11.39
C VAL A 134 -0.31 -11.93 -11.96
N GLY A 135 -0.90 -11.11 -11.07
CA GLY A 135 -1.45 -9.83 -11.48
C GLY A 135 -0.91 -8.63 -10.71
N HIS A 136 0.19 -8.80 -9.98
CA HIS A 136 0.64 -7.76 -9.07
C HIS A 136 2.02 -7.19 -9.39
N SER A 137 2.74 -7.75 -10.35
CA SER A 137 4.13 -7.39 -10.59
C SER A 137 4.35 -7.06 -12.06
N LEU A 138 5.42 -6.32 -12.33
CA LEU A 138 5.81 -6.07 -13.71
C LEU A 138 6.48 -7.28 -14.35
N TYR A 139 7.31 -8.00 -13.58
CA TYR A 139 8.12 -9.11 -14.06
C TYR A 139 7.70 -10.41 -13.39
N ASP A 140 8.12 -11.51 -14.00
CA ASP A 140 8.11 -12.82 -13.33
C ASP A 140 9.22 -12.79 -12.28
N THR A 141 8.81 -12.67 -11.01
CA THR A 141 9.78 -12.49 -9.92
C THR A 141 10.81 -13.61 -9.90
N LYS A 142 10.38 -14.85 -10.12
CA LYS A 142 11.31 -15.98 -10.11
C LYS A 142 12.43 -15.80 -11.13
N ARG A 143 12.12 -15.21 -12.29
CA ARG A 143 13.16 -14.99 -13.29
C ARG A 143 14.23 -14.02 -12.79
N ILE A 144 13.82 -13.00 -12.04
CA ILE A 144 14.79 -12.09 -11.43
C ILE A 144 15.65 -12.83 -10.42
N LEU A 145 15.01 -13.64 -9.56
CA LEU A 145 15.75 -14.40 -8.55
C LEU A 145 16.76 -15.34 -9.20
N ASP A 146 16.33 -16.06 -10.25
CA ASP A 146 17.21 -17.01 -10.92
C ASP A 146 18.42 -16.32 -11.53
N LEU A 147 18.22 -15.19 -12.20
CA LEU A 147 19.35 -14.48 -12.81
C LEU A 147 20.35 -14.01 -11.77
N ASN A 148 19.90 -13.78 -10.53
CA ASN A 148 20.79 -13.32 -9.48
C ASN A 148 21.32 -14.47 -8.62
N GLY A 149 21.20 -15.71 -9.09
CA GLY A 149 21.74 -16.85 -8.37
C GLY A 149 20.83 -17.45 -7.33
N GLY A 150 19.57 -17.04 -7.27
CA GLY A 150 18.59 -17.59 -6.34
C GLY A 150 18.16 -16.65 -5.24
N SER A 151 18.91 -15.56 -4.99
CA SER A 151 18.65 -14.58 -3.94
C SER A 151 18.22 -13.26 -4.55
N PRO A 152 17.42 -12.46 -3.85
CA PRO A 152 16.96 -11.20 -4.42
C PRO A 152 18.08 -10.17 -4.40
N PRO A 153 18.20 -9.35 -5.45
CA PRO A 153 19.09 -8.19 -5.40
C PRO A 153 18.73 -7.32 -4.19
N LEU A 154 19.75 -6.87 -3.47
CA LEU A 154 19.55 -6.09 -2.25
C LEU A 154 19.92 -4.61 -2.41
N THR A 155 20.29 -4.17 -3.60
CA THR A 155 20.40 -2.75 -3.93
C THR A 155 19.64 -2.49 -5.21
N TYR A 156 19.11 -1.28 -5.34
CA TYR A 156 18.47 -0.87 -6.58
C TYR A 156 19.42 -0.97 -7.77
N LYS A 157 20.69 -0.62 -7.58
CA LYS A 157 21.65 -0.73 -8.66
C LYS A 157 21.75 -2.16 -9.18
N ARG A 158 21.91 -3.13 -8.28
CA ARG A 158 21.99 -4.52 -8.69
C ARG A 158 20.69 -4.99 -9.31
N PHE A 159 19.56 -4.54 -8.75
CA PHE A 159 18.24 -4.87 -9.31
C PHE A 159 18.15 -4.42 -10.76
N LEU A 160 18.49 -3.16 -11.02
CA LEU A 160 18.45 -2.64 -12.38
C LEU A 160 19.39 -3.41 -13.31
N HIS A 161 20.54 -3.84 -12.79
CA HIS A 161 21.49 -4.61 -13.60
C HIS A 161 20.87 -5.94 -14.02
N ILE A 162 20.13 -6.59 -13.12
CA ILE A 162 19.47 -7.85 -13.47
C ILE A 162 18.33 -7.62 -14.46
N LEU A 163 17.58 -6.52 -14.29
CA LEU A 163 16.50 -6.25 -15.23
C LEU A 163 17.03 -5.98 -16.63
N SER A 164 18.21 -5.37 -16.74
CA SER A 164 18.77 -5.10 -18.05
C SER A 164 19.16 -6.39 -18.78
N GLN A 165 19.45 -7.45 -18.03
CA GLN A 165 19.64 -8.74 -18.66
C GLN A 165 18.31 -9.38 -19.03
N LEU A 166 17.26 -9.11 -18.25
CA LEU A 166 15.98 -9.77 -18.43
C LEU A 166 15.19 -9.17 -19.59
N GLY A 167 15.18 -7.84 -19.70
CA GLY A 167 14.46 -7.18 -20.77
C GLY A 167 13.26 -6.38 -20.28
N ASP A 168 12.23 -6.26 -21.12
CA ASP A 168 11.04 -5.49 -20.83
C ASP A 168 10.13 -6.22 -19.84
N PRO A 169 9.24 -5.50 -19.17
CA PRO A 169 8.25 -6.16 -18.31
C PRO A 169 7.24 -6.97 -19.13
N GLU A 170 6.50 -7.80 -18.42
CA GLU A 170 5.39 -8.51 -19.04
C GLU A 170 4.36 -7.51 -19.55
N VAL A 171 3.71 -7.86 -20.67
CA VAL A 171 2.70 -6.96 -21.27
C VAL A 171 1.33 -7.24 -20.66
N PRO A 172 0.41 -6.28 -20.68
CA PRO A 172 -0.94 -6.54 -20.16
C PRO A 172 -1.70 -7.46 -21.10
N VAL A 173 -2.64 -8.22 -20.53
CA VAL A 173 -3.51 -9.05 -21.35
C VAL A 173 -4.67 -8.20 -21.83
N ARG A 174 -5.48 -8.75 -22.72
CA ARG A 174 -6.56 -7.98 -23.34
C ARG A 174 -7.66 -7.62 -22.34
N ASN A 175 -8.46 -6.63 -22.71
CA ASN A 175 -9.67 -6.32 -21.98
C ASN A 175 -10.71 -7.44 -22.11
N LEU A 176 -11.54 -7.57 -21.07
CA LEU A 176 -12.68 -8.48 -21.11
C LEU A 176 -13.85 -7.81 -21.82
N THR A 177 -14.68 -8.63 -22.48
CA THR A 177 -15.76 -8.13 -23.31
C THR A 177 -17.09 -8.79 -22.95
N ALA A 178 -18.16 -8.21 -23.47
CA ALA A 178 -19.48 -8.82 -23.31
C ALA A 178 -19.54 -10.21 -23.94
N GLU A 179 -18.75 -10.44 -25.01
CA GLU A 179 -18.73 -11.77 -25.61
C GLU A 179 -18.16 -12.81 -24.67
N ASP A 180 -17.18 -12.45 -23.85
CA ASP A 180 -16.62 -13.41 -22.90
C ASP A 180 -17.69 -13.94 -21.96
N PHE A 181 -18.60 -13.08 -21.53
CA PHE A 181 -19.65 -13.48 -20.63
C PHE A 181 -20.89 -14.00 -21.34
N GLN A 182 -20.86 -14.06 -22.67
CA GLN A 182 -21.83 -14.84 -23.44
C GLN A 182 -21.34 -16.26 -23.64
N ARG A 183 -20.05 -16.44 -23.88
CA ARG A 183 -19.45 -17.76 -23.99
C ARG A 183 -19.33 -18.44 -22.62
N CYS A 184 -19.01 -17.66 -21.60
CA CYS A 184 -18.91 -18.15 -20.23
C CYS A 184 -19.93 -17.37 -19.40
N MET A 185 -21.08 -17.98 -19.14
CA MET A 185 -22.18 -17.26 -18.54
C MET A 185 -21.95 -17.02 -17.05
N SER A 186 -22.40 -15.86 -16.57
CA SER A 186 -22.34 -15.51 -15.16
C SER A 186 -23.76 -15.58 -14.62
N PRO A 187 -24.19 -16.73 -14.10
CA PRO A 187 -25.57 -16.87 -13.65
C PRO A 187 -25.85 -16.02 -12.42
N GLU A 188 -27.05 -15.47 -12.37
CA GLU A 188 -27.53 -14.86 -11.15
C GLU A 188 -27.85 -15.97 -10.15
N PRO A 189 -27.23 -15.99 -8.97
CA PRO A 189 -27.49 -17.07 -8.02
C PRO A 189 -28.84 -16.87 -7.33
N GLY A 190 -29.37 -17.99 -6.83
CA GLY A 190 -30.51 -17.89 -5.95
C GLY A 190 -30.14 -17.15 -4.67
N LEU A 191 -31.09 -16.34 -4.19
CA LEU A 191 -30.94 -15.57 -2.95
C LEU A 191 -29.92 -14.45 -3.14
N ALA A 192 -30.03 -13.76 -4.28
CA ALA A 192 -28.97 -12.86 -4.73
C ALA A 192 -28.78 -11.65 -3.83
N GLU A 193 -29.77 -11.32 -2.99
CA GLU A 193 -29.58 -10.21 -2.05
C GLU A 193 -28.50 -10.51 -1.03
N ARG A 194 -28.18 -11.80 -0.83
CA ARG A 194 -27.12 -12.17 0.09
C ARG A 194 -25.75 -11.73 -0.39
N TYR A 195 -25.61 -11.38 -1.68
CA TYR A 195 -24.31 -11.16 -2.30
C TYR A 195 -24.08 -9.70 -2.69
N ARG A 196 -24.88 -8.78 -2.16
CA ARG A 196 -24.68 -7.36 -2.40
C ARG A 196 -23.40 -6.86 -1.74
N VAL A 197 -22.82 -5.83 -2.33
CA VAL A 197 -21.69 -5.16 -1.67
C VAL A 197 -22.19 -4.53 -0.38
N PRO A 198 -21.56 -4.78 0.77
CA PRO A 198 -22.02 -4.18 2.02
C PRO A 198 -21.87 -2.66 2.02
N VAL A 199 -22.66 -2.03 2.88
CA VAL A 199 -22.62 -0.58 3.06
C VAL A 199 -21.80 -0.30 4.32
N PRO A 200 -21.30 0.93 4.50
CA PRO A 200 -20.44 1.22 5.66
C PRO A 200 -21.01 0.78 7.01
N ALA A 201 -22.31 0.97 7.24
CA ALA A 201 -22.91 0.58 8.51
C ALA A 201 -22.77 -0.91 8.78
N ASP A 202 -22.71 -1.73 7.73
CA ASP A 202 -22.43 -3.16 7.89
C ASP A 202 -21.03 -3.41 8.40
N LEU A 203 -20.12 -2.46 8.24
CA LEU A 203 -18.75 -2.58 8.75
C LEU A 203 -18.53 -1.72 9.98
N GLU A 204 -19.59 -1.11 10.53
CA GLU A 204 -19.48 -0.23 11.70
C GLU A 204 -18.47 0.89 11.48
N ILE A 205 -18.58 1.57 10.34
CA ILE A 205 -17.73 2.73 10.08
C ILE A 205 -18.64 3.92 9.75
N PRO A 206 -18.19 5.16 9.96
CA PRO A 206 -19.02 6.32 9.61
C PRO A 206 -19.47 6.28 8.17
N PRO A 207 -20.70 6.70 7.88
CA PRO A 207 -21.25 6.47 6.53
C PRO A 207 -20.60 7.31 5.44
N GLN A 208 -20.19 8.55 5.75
CA GLN A 208 -19.65 9.45 4.74
C GLN A 208 -18.13 9.31 4.70
N SER A 209 -17.60 9.05 3.52
CA SER A 209 -16.16 9.02 3.31
C SER A 209 -15.66 10.42 2.96
N LEU A 210 -14.69 10.90 3.74
CA LEU A 210 -14.19 12.25 3.56
C LEU A 210 -12.85 12.31 2.83
N SER A 211 -12.25 11.15 2.51
CA SER A 211 -11.04 11.15 1.71
CA SER A 211 -11.04 11.18 1.72
C SER A 211 -11.32 11.80 0.36
N PRO A 212 -10.43 12.67 -0.13
CA PRO A 212 -10.54 13.11 -1.54
C PRO A 212 -10.36 11.97 -2.54
N TRP A 213 -10.03 10.76 -2.09
CA TRP A 213 -9.89 9.60 -2.95
C TRP A 213 -11.19 8.79 -2.94
N THR A 214 -11.54 8.27 -4.11
CA THR A 214 -12.66 7.37 -4.28
C THR A 214 -12.14 6.08 -4.88
N GLY A 215 -12.51 4.94 -4.29
CA GLY A 215 -11.99 3.67 -4.76
C GLY A 215 -12.53 3.26 -6.13
N GLY A 216 -11.84 2.30 -6.72
CA GLY A 216 -12.32 1.66 -7.92
C GLY A 216 -11.47 1.80 -9.18
N GLU A 217 -11.65 0.83 -10.08
CA GLU A 217 -10.95 0.85 -11.36
C GLU A 217 -11.32 2.08 -12.19
N THR A 218 -12.59 2.47 -12.19
CA THR A 218 -13.01 3.57 -13.06
C THR A 218 -12.32 4.87 -12.67
N GLU A 219 -12.33 5.19 -11.38
CA GLU A 219 -11.66 6.41 -10.93
C GLU A 219 -10.16 6.30 -11.12
N GLY A 220 -9.59 5.12 -10.89
CA GLY A 220 -8.17 4.91 -11.15
C GLY A 220 -7.79 5.23 -12.59
N LEU A 221 -8.57 4.70 -13.54
CA LEU A 221 -8.27 4.97 -14.94
C LEU A 221 -8.47 6.44 -15.28
N ARG A 222 -9.50 7.06 -14.73
CA ARG A 222 -9.72 8.48 -14.96
C ARG A 222 -8.53 9.30 -14.46
N ARG A 223 -8.17 9.11 -13.19
CA ARG A 223 -7.03 9.80 -12.60
C ARG A 223 -5.76 9.59 -13.41
N LEU A 224 -5.51 8.35 -13.85
CA LEU A 224 -4.33 8.09 -14.67
C LEU A 224 -4.33 8.99 -15.90
N GLU A 225 -5.45 9.03 -16.61
CA GLU A 225 -5.51 9.81 -17.84
C GLU A 225 -5.50 11.31 -17.55
N GLN A 226 -6.13 11.74 -16.44
CA GLN A 226 -6.08 13.15 -16.07
C GLN A 226 -4.67 13.59 -15.69
N HIS A 227 -3.86 12.69 -15.12
CA HIS A 227 -2.48 13.05 -14.82
C HIS A 227 -1.68 13.26 -16.09
N LEU A 228 -1.76 12.31 -17.03
CA LEU A 228 -1.00 12.44 -18.27
C LEU A 228 -1.43 13.67 -19.06
N THR A 229 -2.72 13.98 -19.07
CA THR A 229 -3.17 15.20 -19.75
C THR A 229 -2.63 16.45 -19.07
N ASP A 230 -2.64 16.48 -17.73
CA ASP A 230 -2.09 17.62 -16.99
C ASP A 230 -0.59 17.77 -17.26
N GLN A 231 0.13 16.66 -17.44
CA GLN A 231 1.56 16.76 -17.72
C GLN A 231 1.80 17.28 -19.13
N GLY A 232 0.96 16.90 -20.09
CA GLY A 232 0.97 17.45 -21.43
C GLY A 232 2.33 17.64 -22.08
N SER A 250 4.14 17.58 -6.65
CA SER A 250 2.94 16.78 -6.82
C SER A 250 3.21 15.56 -7.71
N THR A 251 2.61 14.44 -7.34
CA THR A 251 2.90 13.16 -8.00
C THR A 251 1.61 12.62 -8.62
N THR A 252 1.54 11.32 -9.00
CA THR A 252 0.32 10.85 -9.69
C THR A 252 -0.87 10.69 -8.76
N GLY A 253 -0.61 10.42 -7.48
CA GLY A 253 -1.69 10.04 -6.57
C GLY A 253 -2.37 8.74 -6.93
N LEU A 254 -1.69 7.87 -7.67
CA LEU A 254 -2.26 6.60 -8.10
C LEU A 254 -2.00 5.44 -7.14
N SER A 255 -1.16 5.63 -6.12
CA SER A 255 -0.74 4.50 -5.29
C SER A 255 -1.87 3.68 -4.71
N PRO A 256 -3.00 4.25 -4.22
CA PRO A 256 -4.07 3.38 -3.69
C PRO A 256 -4.66 2.44 -4.71
N TYR A 257 -4.72 2.87 -5.97
CA TYR A 257 -5.27 2.02 -7.04
C TYR A 257 -4.33 0.87 -7.38
N PHE A 258 -3.01 1.14 -7.38
CA PHE A 258 -2.06 0.05 -7.60
C PHE A 258 -2.09 -0.93 -6.43
N SER A 259 -2.21 -0.45 -5.19
CA SER A 259 -2.12 -1.34 -4.03
C SER A 259 -3.34 -2.23 -3.93
N MET A 260 -4.51 -1.71 -4.30
CA MET A 260 -5.76 -2.45 -4.29
C MET A 260 -5.93 -3.31 -5.54
N GLY A 261 -5.12 -3.08 -6.57
CA GLY A 261 -5.29 -3.75 -7.85
C GLY A 261 -6.34 -3.14 -8.75
N CYS A 262 -6.90 -1.99 -8.40
CA CYS A 262 -7.81 -1.30 -9.32
C CYS A 262 -7.11 -0.89 -10.61
N LEU A 263 -5.79 -0.72 -10.57
CA LEU A 263 -4.98 -0.38 -11.73
C LEU A 263 -3.83 -1.38 -11.85
N SER A 264 -3.56 -1.83 -13.07
CA SER A 264 -2.44 -2.73 -13.36
C SER A 264 -1.15 -1.93 -13.53
N VAL A 265 -0.08 -2.37 -12.86
CA VAL A 265 1.21 -1.71 -13.09
C VAL A 265 1.73 -2.00 -14.49
N ARG A 266 1.37 -3.16 -15.05
CA ARG A 266 1.76 -3.49 -16.42
C ARG A 266 1.09 -2.56 -17.42
N THR A 267 -0.20 -2.27 -17.21
CA THR A 267 -0.90 -1.33 -18.10
C THR A 267 -0.30 0.06 -18.01
N PHE A 268 -0.02 0.54 -16.79
CA PHE A 268 0.57 1.87 -16.67
C PHE A 268 1.98 1.93 -17.24
N PHE A 269 2.79 0.90 -17.00
CA PHE A 269 4.13 0.88 -17.57
C PHE A 269 4.05 1.00 -19.10
N GLN A 270 3.17 0.21 -19.72
CA GLN A 270 3.12 0.24 -21.19
C GLN A 270 2.62 1.59 -21.70
N ARG A 271 1.63 2.18 -21.02
CA ARG A 271 1.15 3.51 -21.40
C ARG A 271 2.26 4.54 -21.36
N LEU A 272 3.13 4.48 -20.34
CA LEU A 272 4.25 5.40 -20.31
C LEU A 272 5.22 5.14 -21.46
N SER A 273 5.41 3.86 -21.82
CA SER A 273 6.24 3.54 -22.98
C SER A 273 5.63 4.10 -24.27
N ASN A 274 4.30 4.11 -24.37
CA ASN A 274 3.64 4.66 -25.55
C ASN A 274 3.94 6.14 -25.71
N ILE A 275 3.92 6.89 -24.60
CA ILE A 275 4.23 8.31 -24.64
C ILE A 275 5.67 8.55 -25.03
N TYR A 276 6.58 7.77 -24.45
CA TYR A 276 8.00 7.85 -24.80
C TYR A 276 8.21 7.61 -26.29
N ALA A 277 7.47 6.64 -26.86
CA ALA A 277 7.61 6.32 -28.28
C ALA A 277 7.05 7.46 -29.15
N GLN A 278 5.88 7.98 -28.80
CA GLN A 278 5.26 9.02 -29.62
C GLN A 278 6.07 10.31 -29.57
N ALA A 279 6.81 10.54 -28.47
CA ALA A 279 7.75 11.64 -28.34
C ALA A 279 9.08 11.34 -29.03
N LYS A 280 9.18 10.25 -29.79
CA LYS A 280 10.40 9.90 -30.53
C LYS A 280 11.58 9.76 -29.59
N HIS A 281 11.33 9.27 -28.37
CA HIS A 281 12.32 9.08 -27.32
C HIS A 281 12.90 10.38 -26.80
N HIS A 282 12.23 11.51 -27.03
CA HIS A 282 12.74 12.80 -26.58
C HIS A 282 12.18 13.25 -25.23
N SER A 283 11.24 12.51 -24.63
CA SER A 283 10.60 12.91 -23.38
C SER A 283 10.97 11.91 -22.28
N LEU A 284 11.79 12.36 -21.34
CA LEU A 284 12.19 11.48 -20.24
C LEU A 284 11.26 11.45 -19.02
N PRO A 285 10.37 12.43 -18.80
CA PRO A 285 9.45 12.34 -17.62
C PRO A 285 8.69 11.03 -17.54
N PRO A 286 8.14 10.49 -18.64
CA PRO A 286 7.50 9.17 -18.51
C PRO A 286 8.48 8.08 -18.07
N VAL A 287 9.73 8.17 -18.50
CA VAL A 287 10.75 7.20 -18.07
C VAL A 287 11.03 7.34 -16.58
N SER A 288 11.11 8.58 -16.07
CA SER A 288 11.22 8.78 -14.63
C SER A 288 10.08 8.12 -13.87
N LEU A 289 8.85 8.29 -14.35
CA LEU A 289 7.71 7.69 -13.67
C LEU A 289 7.75 6.17 -13.76
N GLN A 290 8.26 5.61 -14.86
CA GLN A 290 8.50 4.17 -14.92
C GLN A 290 9.47 3.74 -13.83
N GLY A 291 10.43 4.60 -13.49
CA GLY A 291 11.35 4.29 -12.40
C GLY A 291 10.65 4.13 -11.06
N GLN A 292 9.56 4.87 -10.83
CA GLN A 292 8.79 4.71 -9.59
C GLN A 292 8.20 3.30 -9.49
N LEU A 293 7.75 2.75 -10.63
CA LEU A 293 7.22 1.39 -10.62
C LEU A 293 8.33 0.37 -10.48
N LEU A 294 9.55 0.72 -10.89
CA LEU A 294 10.67 -0.19 -10.67
C LEU A 294 11.09 -0.21 -9.21
N TRP A 295 10.93 0.91 -8.50
CA TRP A 295 11.12 0.90 -7.04
C TRP A 295 10.11 -0.03 -6.39
N ARG A 296 8.84 0.08 -6.79
CA ARG A 296 7.84 -0.88 -6.31
C ARG A 296 8.28 -2.31 -6.57
N GLU A 297 8.73 -2.59 -7.79
CA GLU A 297 9.13 -3.96 -8.14
C GLU A 297 10.32 -4.42 -7.32
N PHE A 298 11.24 -3.50 -7.03
CA PHE A 298 12.40 -3.83 -6.19
C PHE A 298 11.96 -4.36 -4.84
N PHE A 299 11.08 -3.64 -4.15
CA PHE A 299 10.68 -4.06 -2.82
C PHE A 299 9.84 -5.33 -2.87
N TYR A 300 8.97 -5.45 -3.88
CA TYR A 300 8.23 -6.70 -4.05
C TYR A 300 9.19 -7.88 -4.20
N THR A 301 10.26 -7.69 -4.96
CA THR A 301 11.22 -8.79 -5.20
C THR A 301 11.97 -9.17 -3.93
N VAL A 302 12.52 -8.19 -3.21
CA VAL A 302 13.15 -8.50 -1.92
C VAL A 302 12.15 -9.18 -1.00
N ALA A 303 10.97 -8.59 -0.84
CA ALA A 303 9.99 -9.10 0.12
C ALA A 303 9.58 -10.53 -0.19
N SER A 304 9.52 -10.88 -1.48
CA SER A 304 9.07 -12.20 -1.89
CA SER A 304 9.08 -12.20 -1.92
C SER A 304 10.05 -13.30 -1.52
N ALA A 305 11.31 -12.97 -1.28
CA ALA A 305 12.34 -13.98 -1.09
C ALA A 305 13.18 -13.75 0.15
N THR A 306 12.67 -13.04 1.15
CA THR A 306 13.42 -12.73 2.36
C THR A 306 12.57 -13.16 3.55
N GLN A 307 13.12 -14.02 4.41
CA GLN A 307 12.37 -14.50 5.56
C GLN A 307 12.13 -13.37 6.56
N ASN A 308 10.95 -13.36 7.16
CA ASN A 308 10.59 -12.42 8.23
C ASN A 308 10.76 -10.98 7.76
N PHE A 309 10.43 -10.73 6.49
CA PHE A 309 10.70 -9.43 5.87
C PHE A 309 10.05 -8.28 6.62
N THR A 310 8.87 -8.49 7.21
CA THR A 310 8.17 -7.37 7.82
C THR A 310 8.39 -7.26 9.33
N GLN A 311 9.39 -7.95 9.87
CA GLN A 311 9.83 -7.67 11.24
C GLN A 311 11.34 -7.61 11.29
N MET A 312 11.86 -7.22 12.46
CA MET A 312 13.30 -7.08 12.66
C MET A 312 13.93 -8.42 13.03
N ALA A 313 13.38 -9.08 14.06
CA ALA A 313 13.96 -10.33 14.54
C ALA A 313 13.86 -11.42 13.48
N GLY A 314 14.97 -12.10 13.24
CA GLY A 314 15.00 -13.16 12.26
C GLY A 314 15.06 -12.69 10.83
N ASN A 315 15.17 -11.39 10.60
CA ASN A 315 15.21 -10.84 9.25
C ASN A 315 16.66 -10.72 8.86
N PRO A 316 17.14 -11.48 7.87
CA PRO A 316 18.58 -11.54 7.61
C PRO A 316 19.19 -10.26 7.03
N ILE A 317 18.39 -9.32 6.53
CA ILE A 317 18.96 -8.08 5.98
C ILE A 317 18.77 -6.90 6.91
N CYS A 318 18.14 -7.08 8.06
CA CYS A 318 17.74 -5.98 8.91
C CYS A 318 18.73 -5.83 10.06
N LEU A 319 19.22 -4.62 10.27
CA LEU A 319 20.01 -4.33 11.46
C LEU A 319 19.18 -4.57 12.72
N GLN A 320 19.81 -5.15 13.74
CA GLN A 320 19.13 -5.47 15.00
C GLN A 320 19.36 -4.32 15.97
N ILE A 321 18.29 -3.59 16.26
CA ILE A 321 18.35 -2.35 17.02
C ILE A 321 17.39 -2.49 18.20
N HIS A 322 17.83 -2.11 19.39
CA HIS A 322 16.98 -2.25 20.57
C HIS A 322 16.17 -0.96 20.72
N TRP A 323 15.16 -0.85 19.87
CA TRP A 323 14.23 0.26 19.94
C TRP A 323 13.53 0.31 21.30
N TYR A 324 13.11 1.50 21.72
CA TYR A 324 12.39 1.62 22.98
C TYR A 324 11.00 1.01 22.86
N GLU A 325 10.58 0.30 23.91
CA GLU A 325 9.17 0.00 24.10
C GLU A 325 8.60 1.17 24.89
N ASP A 326 7.86 2.03 24.21
CA ASP A 326 7.34 3.26 24.82
C ASP A 326 6.02 3.54 24.11
N ALA A 327 4.96 2.90 24.59
CA ALA A 327 3.68 3.01 23.89
C ALA A 327 3.14 4.43 23.90
N GLU A 328 3.51 5.22 24.91
CA GLU A 328 3.02 6.59 24.96
C GLU A 328 3.65 7.46 23.88
N ARG A 329 4.94 7.30 23.62
CA ARG A 329 5.57 8.00 22.51
C ARG A 329 4.89 7.63 21.19
N LEU A 330 4.67 6.33 20.96
CA LEU A 330 3.98 5.91 19.75
C LEU A 330 2.58 6.52 19.69
N HIS A 331 1.89 6.54 20.83
CA HIS A 331 0.52 7.05 20.85
C HIS A 331 0.48 8.53 20.44
N LYS A 332 1.39 9.34 20.99
CA LYS A 332 1.46 10.76 20.63
C LYS A 332 1.71 10.94 19.14
N TRP A 333 2.63 10.15 18.58
CA TRP A 333 2.93 10.25 17.16
C TRP A 333 1.72 9.86 16.31
N LYS A 334 1.10 8.72 16.65
CA LYS A 334 -0.06 8.23 15.91
C LYS A 334 -1.23 9.21 15.96
N THR A 335 -1.40 9.92 17.08
CA THR A 335 -2.56 10.80 17.26
C THR A 335 -2.23 12.27 16.97
N ALA A 336 -1.09 12.54 16.33
CA ALA A 336 -0.67 13.90 15.97
C ALA A 336 -0.62 14.82 17.19
N GLN A 337 -0.01 14.34 18.26
CA GLN A 337 0.17 15.11 19.47
C GLN A 337 1.64 15.14 19.88
N THR A 338 2.55 15.22 18.90
CA THR A 338 3.97 15.31 19.20
C THR A 338 4.40 16.69 19.68
N GLY A 339 3.62 17.74 19.37
CA GLY A 339 4.06 19.09 19.68
C GLY A 339 4.94 19.73 18.62
N PHE A 340 5.26 19.00 17.54
CA PHE A 340 5.94 19.55 16.37
C PHE A 340 4.91 19.71 15.27
N PRO A 341 4.48 20.94 14.94
CA PRO A 341 3.36 21.10 14.00
C PRO A 341 3.55 20.44 12.66
N TRP A 342 4.76 20.55 12.09
CA TRP A 342 5.04 19.87 10.81
C TRP A 342 4.71 18.38 10.91
N ILE A 343 5.14 17.73 11.99
CA ILE A 343 4.89 16.31 12.17
C ILE A 343 3.41 16.05 12.42
N ASP A 344 2.80 16.84 13.31
CA ASP A 344 1.39 16.61 13.62
C ASP A 344 0.48 16.93 12.44
N ALA A 345 0.82 17.93 11.63
CA ALA A 345 0.03 18.23 10.44
C ALA A 345 0.04 17.06 9.46
N ILE A 346 1.21 16.45 9.24
CA ILE A 346 1.28 15.31 8.33
C ILE A 346 0.45 14.14 8.87
N MET A 347 0.63 13.80 10.14
CA MET A 347 -0.12 12.69 10.70
C MET A 347 -1.63 12.99 10.70
N THR A 348 -2.01 14.26 10.75
CA THR A 348 -3.42 14.61 10.66
C THR A 348 -3.96 14.37 9.26
N GLN A 349 -3.22 14.82 8.23
CA GLN A 349 -3.65 14.54 6.86
C GLN A 349 -3.73 13.05 6.60
N LEU A 350 -2.74 12.29 7.09
CA LEU A 350 -2.81 10.83 6.97
C LEU A 350 -4.09 10.27 7.57
N ARG A 351 -4.42 10.68 8.79
CA ARG A 351 -5.61 10.13 9.45
C ARG A 351 -6.89 10.59 8.77
N GLN A 352 -6.95 11.85 8.32
CA GLN A 352 -8.20 12.39 7.76
C GLN A 352 -8.38 12.04 6.29
N GLU A 353 -7.30 11.80 5.55
CA GLU A 353 -7.39 11.61 4.11
C GLU A 353 -6.84 10.27 3.62
N GLY A 354 -5.94 9.62 4.36
CA GLY A 354 -5.46 8.30 3.99
C GLY A 354 -4.29 8.30 3.02
N TRP A 355 -3.72 9.46 2.72
CA TRP A 355 -2.61 9.56 1.78
C TRP A 355 -1.80 10.79 2.13
N ILE A 356 -0.47 10.66 2.09
CA ILE A 356 0.46 11.77 2.29
C ILE A 356 1.62 11.63 1.30
N HIS A 357 2.24 12.76 0.95
CA HIS A 357 3.35 12.78 -0.01
C HIS A 357 4.53 11.92 0.46
N HIS A 358 5.28 11.39 -0.51
CA HIS A 358 6.47 10.58 -0.25
C HIS A 358 7.40 11.22 0.78
N LEU A 359 7.72 12.50 0.61
CA LEU A 359 8.66 13.12 1.55
C LEU A 359 8.01 13.48 2.87
N ALA A 360 6.69 13.63 2.90
CA ALA A 360 6.00 13.71 4.18
C ALA A 360 6.13 12.39 4.96
N ARG A 361 6.05 11.26 4.24
CA ARG A 361 6.28 9.95 4.88
C ARG A 361 7.71 9.85 5.42
N HIS A 362 8.70 10.35 4.66
CA HIS A 362 10.06 10.42 5.18
C HIS A 362 10.12 11.17 6.50
N ALA A 363 9.51 12.36 6.55
CA ALA A 363 9.61 13.21 7.73
C ALA A 363 9.09 12.50 8.97
N VAL A 364 7.90 11.89 8.89
CA VAL A 364 7.30 11.33 10.09
C VAL A 364 7.91 9.97 10.46
N ALA A 365 8.36 9.19 9.48
CA ALA A 365 8.98 7.89 9.76
C ALA A 365 10.35 8.08 10.38
N CYS A 366 11.14 9.02 9.86
CA CYS A 366 12.43 9.32 10.49
C CYS A 366 12.22 9.86 11.91
N PHE A 367 11.25 10.75 12.09
CA PHE A 367 10.96 11.26 13.42
C PHE A 367 10.63 10.14 14.39
N LEU A 368 9.80 9.17 13.96
CA LEU A 368 9.38 8.12 14.89
C LEU A 368 10.55 7.22 15.27
N THR A 369 11.45 6.94 14.32
CA THR A 369 12.43 5.86 14.47
C THR A 369 13.80 6.46 14.74
N ARG A 370 14.70 6.52 13.76
CA ARG A 370 16.08 6.83 14.06
C ARG A 370 16.28 8.28 14.45
N GLY A 371 15.35 9.16 14.10
CA GLY A 371 15.58 10.58 14.22
C GLY A 371 15.37 11.09 15.62
N ASP A 372 14.23 10.74 16.21
CA ASP A 372 13.80 11.39 17.44
C ASP A 372 13.32 10.39 18.49
N LEU A 373 12.23 9.66 18.20
CA LEU A 373 11.56 8.89 19.26
C LEU A 373 12.23 7.55 19.56
N TRP A 374 13.01 7.00 18.63
CA TRP A 374 13.68 5.73 18.81
C TRP A 374 12.68 4.59 19.06
N ILE A 375 11.55 4.65 18.34
CA ILE A 375 10.49 3.62 18.38
C ILE A 375 10.67 2.71 17.17
N SER A 376 10.35 1.43 17.33
CA SER A 376 10.57 0.46 16.26
C SER A 376 9.88 0.86 14.96
N TRP A 377 10.57 0.62 13.83
CA TRP A 377 9.94 0.78 12.52
C TRP A 377 8.73 -0.15 12.35
N GLU A 378 8.71 -1.30 13.04
CA GLU A 378 7.55 -2.18 12.95
C GLU A 378 6.27 -1.50 13.45
N GLU A 379 6.39 -0.63 14.46
CA GLU A 379 5.22 0.05 14.99
C GLU A 379 4.73 1.13 14.03
N GLY A 380 5.66 1.88 13.43
CA GLY A 380 5.27 2.84 12.41
C GLY A 380 4.63 2.16 11.22
N MET A 381 5.20 1.03 10.79
CA MET A 381 4.62 0.23 9.71
C MET A 381 3.17 -0.13 9.99
N LYS A 382 2.89 -0.60 11.21
CA LYS A 382 1.53 -1.03 11.54
C LYS A 382 0.55 0.14 11.57
N VAL A 383 0.99 1.33 12.01
CA VAL A 383 0.12 2.50 11.93
C VAL A 383 -0.16 2.87 10.48
N PHE A 384 0.89 2.93 9.66
CA PHE A 384 0.71 3.21 8.24
C PHE A 384 -0.20 2.18 7.59
N GLU A 385 -0.06 0.91 7.98
CA GLU A 385 -0.94 -0.12 7.43
C GLU A 385 -2.40 0.18 7.71
N GLU A 386 -2.69 0.62 8.94
CA GLU A 386 -4.08 0.93 9.29
C GLU A 386 -4.60 2.14 8.52
N LEU A 387 -3.78 3.18 8.37
CA LEU A 387 -4.24 4.50 7.93
C LEU A 387 -4.08 4.79 6.44
N LEU A 388 -3.19 4.09 5.73
CA LEU A 388 -2.90 4.39 4.32
C LEU A 388 -3.86 3.66 3.40
N LEU A 389 -4.54 4.41 2.53
CA LEU A 389 -5.28 3.79 1.43
C LEU A 389 -4.39 2.87 0.61
N ASP A 390 -3.12 3.25 0.40
CA ASP A 390 -2.24 2.48 -0.45
C ASP A 390 -1.40 1.46 0.31
N ALA A 391 -1.75 1.16 1.57
CA ALA A 391 -0.99 0.23 2.40
C ALA A 391 -0.62 -1.01 1.61
N ASP A 392 0.68 -1.30 1.54
CA ASP A 392 1.19 -2.38 0.70
C ASP A 392 2.25 -3.13 1.49
N TYR A 393 2.03 -4.44 1.69
CA TYR A 393 2.91 -5.27 2.51
C TYR A 393 4.39 -5.05 2.18
N SER A 394 4.75 -5.17 0.90
CA SER A 394 6.15 -5.10 0.50
C SER A 394 6.69 -3.67 0.53
N ILE A 395 5.91 -2.71 0.01
CA ILE A 395 6.43 -1.36 -0.09
C ILE A 395 6.57 -0.73 1.29
N ASN A 396 5.56 -0.92 2.12
CA ASN A 396 5.54 -0.33 3.46
C ASN A 396 6.68 -0.89 4.32
N ALA A 397 6.85 -2.23 4.33
CA ALA A 397 7.97 -2.78 5.09
C ALA A 397 9.31 -2.29 4.56
N GLY A 398 9.50 -2.33 3.24
CA GLY A 398 10.78 -1.90 2.69
C GLY A 398 11.10 -0.45 3.00
N ASN A 399 10.12 0.44 2.87
CA ASN A 399 10.38 1.85 3.14
C ASN A 399 10.52 2.14 4.62
N TRP A 400 9.88 1.34 5.49
CA TRP A 400 10.09 1.58 6.90
C TRP A 400 11.47 1.13 7.36
N MET A 401 11.99 0.07 6.75
CA MET A 401 13.37 -0.30 7.05
C MET A 401 14.34 0.76 6.54
N TRP A 402 14.03 1.31 5.35
CA TRP A 402 14.82 2.38 4.78
C TRP A 402 14.86 3.59 5.71
N LEU A 403 13.69 4.08 6.14
CA LEU A 403 13.63 5.32 6.91
C LEU A 403 14.17 5.17 8.32
N SER A 404 14.20 3.96 8.86
CA SER A 404 14.83 3.73 10.15
C SER A 404 16.31 3.42 10.04
N ALA A 405 16.87 3.48 8.82
CA ALA A 405 18.24 3.09 8.54
C ALA A 405 18.53 1.69 9.08
N SER A 406 17.53 0.81 9.00
CA SER A 406 17.71 -0.59 9.36
C SER A 406 18.23 -1.42 8.20
N ALA A 407 18.00 -0.95 6.97
CA ALA A 407 18.49 -1.56 5.73
C ALA A 407 18.38 -0.50 4.62
N PHE A 408 19.17 -0.71 3.55
CA PHE A 408 19.05 0.01 2.29
C PHE A 408 19.61 1.43 2.33
N PHE A 409 19.29 2.16 3.39
CA PHE A 409 19.76 3.53 3.57
C PHE A 409 20.85 3.53 4.63
N HIS A 410 21.94 4.28 4.37
CA HIS A 410 23.11 4.21 5.24
C HIS A 410 23.69 5.56 5.61
N HIS A 411 23.07 6.67 5.23
CA HIS A 411 23.55 8.01 5.61
C HIS A 411 22.92 8.44 6.93
N TYR A 412 23.21 7.67 7.98
CA TYR A 412 22.47 7.80 9.23
C TYR A 412 22.82 9.06 10.00
N THR A 413 23.92 9.73 9.66
CA THR A 413 24.18 11.03 10.28
C THR A 413 23.26 12.13 9.74
N ARG A 414 22.49 11.87 8.68
CA ARG A 414 21.52 12.81 8.13
C ARG A 414 20.15 12.52 8.72
N ILE A 415 19.62 13.45 9.52
CA ILE A 415 18.33 13.28 10.17
C ILE A 415 17.44 14.47 9.83
N PHE A 416 16.23 14.19 9.32
CA PHE A 416 15.26 15.25 9.03
C PHE A 416 15.04 16.13 10.25
N CYS A 417 15.04 17.45 10.05
CA CYS A 417 14.68 18.36 11.13
C CYS A 417 13.18 18.55 11.13
N PRO A 418 12.49 18.28 12.23
CA PRO A 418 11.02 18.41 12.24
C PRO A 418 10.54 19.86 12.29
N VAL A 419 11.47 20.82 12.38
CA VAL A 419 11.17 22.23 12.28
C VAL A 419 11.59 22.79 10.92
N ARG A 420 12.84 22.53 10.52
CA ARG A 420 13.40 23.21 9.36
C ARG A 420 12.91 22.64 8.03
N PHE A 421 12.63 21.33 7.96
CA PHE A 421 12.28 20.69 6.69
C PHE A 421 11.04 21.32 6.06
N GLY A 422 9.99 21.53 6.85
CA GLY A 422 8.81 22.17 6.31
C GLY A 422 9.03 23.63 5.97
N LYS A 423 9.89 24.32 6.74
CA LYS A 423 10.17 25.73 6.48
C LYS A 423 10.63 25.98 5.05
N ARG A 424 11.49 25.11 4.52
CA ARG A 424 11.96 25.27 3.14
C ARG A 424 10.81 25.12 2.16
N THR A 425 9.89 24.18 2.44
CA THR A 425 8.78 23.89 1.55
C THR A 425 7.74 25.00 1.60
N ASP A 426 7.38 25.39 2.82
CA ASP A 426 6.13 26.11 3.10
C ASP A 426 6.45 27.09 4.24
N PRO A 427 7.20 28.15 3.94
CA PRO A 427 7.65 29.05 5.01
C PRO A 427 6.53 29.69 5.82
N GLU A 428 5.41 30.02 5.20
CA GLU A 428 4.27 30.61 5.90
C GLU A 428 3.44 29.59 6.66
N GLY A 429 3.68 28.29 6.47
CA GLY A 429 2.96 27.29 7.25
C GLY A 429 1.51 27.13 6.85
N GLN A 430 1.20 27.29 5.55
CA GLN A 430 -0.19 27.10 5.12
C GLN A 430 -0.65 25.66 5.34
N TYR A 431 0.22 24.68 5.09
CA TYR A 431 -0.13 23.28 5.33
C TYR A 431 -0.45 23.05 6.81
N ILE A 432 0.39 23.59 7.71
CA ILE A 432 0.14 23.47 9.14
C ILE A 432 -1.21 24.10 9.51
N ARG A 433 -1.44 25.33 9.04
CA ARG A 433 -2.69 26.01 9.39
C ARG A 433 -3.91 25.27 8.86
N LYS A 434 -3.77 24.58 7.71
CA LYS A 434 -4.90 23.84 7.17
C LYS A 434 -5.25 22.64 8.06
N TYR A 435 -4.24 21.84 8.42
CA TYR A 435 -4.54 20.60 9.13
C TYR A 435 -4.53 20.75 10.64
N LEU A 436 -3.94 21.82 11.18
CA LEU A 436 -3.96 22.10 12.62
C LEU A 436 -4.57 23.48 12.85
N PRO A 437 -5.88 23.62 12.66
CA PRO A 437 -6.48 24.96 12.76
C PRO A 437 -6.38 25.57 14.14
N VAL A 438 -6.07 24.80 15.19
CA VAL A 438 -5.82 25.42 16.49
C VAL A 438 -4.67 26.42 16.40
N LEU A 439 -3.73 26.21 15.47
CA LEU A 439 -2.56 27.06 15.32
C LEU A 439 -2.75 28.15 14.27
N LYS A 440 -3.94 28.29 13.71
CA LYS A 440 -4.10 29.08 12.49
C LYS A 440 -3.78 30.56 12.68
N ASN A 441 -3.81 31.08 13.91
CA ASN A 441 -3.56 32.49 14.14
C ASN A 441 -2.16 32.76 14.66
N PHE A 442 -1.28 31.75 14.71
CA PHE A 442 0.08 31.99 15.14
C PHE A 442 0.84 32.72 14.03
N PRO A 443 1.63 33.74 14.38
CA PRO A 443 2.51 34.34 13.38
C PRO A 443 3.48 33.31 12.83
N THR A 444 3.87 33.49 11.57
CA THR A 444 4.73 32.50 10.92
C THR A 444 6.05 32.35 11.65
N LYS A 445 6.47 33.40 12.36
CA LYS A 445 7.68 33.31 13.17
C LYS A 445 7.62 32.17 14.19
N TYR A 446 6.40 31.73 14.56
CA TYR A 446 6.26 30.64 15.51
C TYR A 446 5.51 29.42 14.96
N ILE A 447 5.05 29.44 13.71
CA ILE A 447 4.11 28.40 13.26
C ILE A 447 4.75 27.01 13.29
N TYR A 448 6.07 26.92 13.09
CA TYR A 448 6.76 25.63 13.17
C TYR A 448 7.28 25.30 14.57
N GLU A 449 7.38 26.27 15.47
CA GLU A 449 7.88 26.07 16.83
C GLU A 449 7.05 26.91 17.79
N PRO A 450 5.75 26.58 17.93
CA PRO A 450 4.86 27.46 18.70
C PRO A 450 5.24 27.56 20.16
N TRP A 451 5.99 26.59 20.69
CA TRP A 451 6.46 26.65 22.07
C TRP A 451 7.47 27.78 22.31
N THR A 452 8.01 28.40 21.27
CA THR A 452 8.95 29.49 21.50
C THR A 452 8.25 30.84 21.67
N ALA A 453 6.95 30.91 21.38
CA ALA A 453 6.18 32.12 21.62
C ALA A 453 6.07 32.40 23.12
N SER A 454 6.08 33.67 23.49
CA SER A 454 5.81 34.02 24.88
C SER A 454 4.36 33.66 25.22
N GLU A 455 4.10 33.47 26.52
CA GLU A 455 2.74 33.16 26.93
C GLU A 455 1.76 34.25 26.47
N GLU A 456 2.19 35.51 26.44
CA GLU A 456 1.30 36.57 26.00
C GLU A 456 1.03 36.51 24.49
N GLU A 457 2.04 36.16 23.69
CA GLU A 457 1.78 35.92 22.27
C GLU A 457 0.87 34.71 22.09
N GLN A 458 0.98 33.70 22.94
CA GLN A 458 0.09 32.56 22.85
C GLN A 458 -1.35 32.96 23.13
N ARG A 459 -1.55 33.79 24.14
CA ARG A 459 -2.89 34.28 24.45
C ARG A 459 -3.48 35.05 23.26
N GLN A 460 -2.67 35.87 22.59
CA GLN A 460 -3.16 36.65 21.46
C GLN A 460 -3.54 35.76 20.28
N ALA A 461 -2.83 34.65 20.10
CA ALA A 461 -3.17 33.71 19.03
C ALA A 461 -4.30 32.78 19.42
N GLY A 462 -4.77 32.86 20.66
CA GLY A 462 -5.86 31.99 21.10
C GLY A 462 -5.46 30.55 21.32
N CYS A 463 -4.18 30.28 21.57
CA CYS A 463 -3.74 28.89 21.65
C CYS A 463 -2.60 28.83 22.68
N ILE A 464 -2.90 28.31 23.87
CA ILE A 464 -1.92 28.22 24.94
C ILE A 464 -1.21 26.88 24.81
N ILE A 465 0.11 26.92 24.69
CA ILE A 465 0.87 25.68 24.50
C ILE A 465 0.89 24.90 25.80
N GLY A 466 0.68 23.59 25.70
CA GLY A 466 0.46 22.75 26.85
C GLY A 466 -1.01 22.59 27.22
N ARG A 467 -1.90 23.34 26.59
CA ARG A 467 -3.33 23.26 26.88
C ARG A 467 -4.12 22.98 25.61
N ASP A 468 -4.01 23.87 24.64
CA ASP A 468 -4.71 23.73 23.37
C ASP A 468 -3.91 22.94 22.34
N TYR A 469 -2.59 22.95 22.46
CA TYR A 469 -1.69 22.23 21.58
C TYR A 469 -0.49 21.87 22.46
N PRO A 470 0.07 20.66 22.34
CA PRO A 470 1.06 20.23 23.33
C PRO A 470 2.42 20.89 23.13
N PHE A 471 3.21 20.88 24.23
CA PHE A 471 4.64 21.13 24.13
C PHE A 471 5.29 20.04 23.29
N PRO A 472 6.47 20.30 22.72
CA PRO A 472 7.17 19.25 21.96
C PRO A 472 7.54 18.10 22.87
N MET A 473 7.38 16.88 22.35
CA MET A 473 7.51 15.71 23.21
C MET A 473 8.97 15.31 23.45
N VAL A 474 9.90 15.80 22.64
CA VAL A 474 11.32 15.67 22.86
C VAL A 474 11.97 16.99 22.49
N ASN A 475 13.21 17.15 22.93
CA ASN A 475 14.11 18.17 22.39
C ASN A 475 14.80 17.55 21.19
N HIS A 476 14.57 18.10 20.00
CA HIS A 476 15.07 17.44 18.81
C HIS A 476 16.59 17.31 18.82
N LYS A 477 17.28 18.37 19.21
CA LYS A 477 18.75 18.34 19.25
C LYS A 477 19.24 17.24 20.18
N GLU A 478 18.67 17.17 21.38
CA GLU A 478 19.15 16.19 22.34
C GLU A 478 18.79 14.78 21.93
N ALA A 479 17.58 14.59 21.37
CA ALA A 479 17.14 13.26 20.97
C ALA A 479 17.94 12.75 19.78
N SER A 480 18.10 13.58 18.75
CA SER A 480 18.87 13.12 17.59
C SER A 480 20.34 12.89 17.94
N ASP A 481 20.93 13.72 18.80
CA ASP A 481 22.29 13.44 19.27
C ASP A 481 22.37 12.08 19.96
N ARG A 482 21.47 11.84 20.93
CA ARG A 482 21.35 10.54 21.56
C ARG A 482 21.30 9.42 20.52
N ASN A 483 20.37 9.54 19.57
CA ASN A 483 20.09 8.47 18.63
C ASN A 483 21.22 8.25 17.64
N LEU A 484 21.98 9.30 17.34
CA LEU A 484 23.16 9.13 16.49
C LEU A 484 24.21 8.27 17.18
N GLN A 485 24.41 8.45 18.48
CA GLN A 485 25.37 7.61 19.18
C GLN A 485 24.90 6.17 19.23
N LEU A 486 23.60 5.95 19.44
CA LEU A 486 23.05 4.59 19.49
C LEU A 486 23.17 3.90 18.13
N MET A 487 22.85 4.62 17.04
CA MET A 487 22.93 4.03 15.71
C MET A 487 24.37 3.76 15.31
N ARG A 488 25.29 4.64 15.72
CA ARG A 488 26.70 4.40 15.42
C ARG A 488 27.20 3.13 16.07
N ARG A 489 26.81 2.85 17.33
CA ARG A 489 27.26 1.58 17.93
C ARG A 489 26.70 0.38 17.16
N VAL A 490 25.43 0.46 16.76
CA VAL A 490 24.82 -0.61 15.98
C VAL A 490 25.61 -0.86 14.71
N ARG A 491 25.92 0.19 13.97
CA ARG A 491 26.58 -0.01 12.68
C ARG A 491 28.06 -0.35 12.83
N GLU A 492 28.70 0.05 13.92
CA GLU A 492 30.08 -0.35 14.13
C GLU A 492 30.20 -1.83 14.48
N GLU A 493 29.16 -2.40 15.10
CA GLU A 493 29.16 -3.81 15.47
C GLU A 493 28.58 -4.71 14.38
N GLN A 494 27.53 -4.29 13.71
CA GLN A 494 26.87 -5.17 12.74
C GLN A 494 27.27 -4.78 11.30
N ARG A 495 28.58 -4.79 11.08
CA ARG A 495 29.14 -4.35 9.80
C ARG A 495 28.67 -5.24 8.64
N GLY A 496 28.69 -6.56 8.85
CA GLY A 496 28.29 -7.47 7.78
C GLY A 496 26.84 -7.30 7.39
N THR A 497 25.96 -7.11 8.37
CA THR A 497 24.55 -6.94 8.06
C THR A 497 24.33 -5.67 7.24
N ALA A 498 24.92 -4.56 7.67
CA ALA A 498 24.72 -3.31 6.95
C ALA A 498 25.26 -3.41 5.53
N GLN A 499 26.39 -4.09 5.36
CA GLN A 499 26.99 -4.26 4.04
C GLN A 499 26.11 -5.00 3.05
N LEU A 500 25.17 -5.83 3.54
CA LEU A 500 24.31 -6.60 2.64
C LEU A 500 23.54 -5.71 1.67
N THR A 501 23.06 -4.55 2.15
CA THR A 501 22.17 -3.68 1.36
C THR A 501 22.85 -2.36 0.99
N ARG A 502 24.17 -2.35 0.90
CA ARG A 502 24.89 -1.15 0.47
C ARG A 502 25.56 -1.38 -0.88
PA FAD B . 4.29 8.42 -7.70
O1A FAD B . 5.51 9.24 -7.52
O2A FAD B . 3.27 8.89 -8.75
O5B FAD B . 4.81 6.96 -8.10
C5B FAD B . 4.01 6.07 -8.93
C4B FAD B . 3.87 4.74 -8.23
O4B FAD B . 5.17 4.11 -8.03
C3B FAD B . 3.25 4.77 -6.84
O3B FAD B . 1.82 4.84 -6.95
C2B FAD B . 3.76 3.47 -6.22
O2B FAD B . 3.02 2.32 -6.62
C1B FAD B . 5.18 3.42 -6.79
N9A FAD B . 6.19 4.04 -5.93
C8A FAD B . 6.53 5.36 -5.86
N7A FAD B . 7.48 5.63 -5.00
C5A FAD B . 7.79 4.39 -4.45
C6A FAD B . 8.70 3.98 -3.46
N6A FAD B . 9.54 4.82 -2.83
N1A FAD B . 8.76 2.66 -3.16
C2A FAD B . 7.94 1.82 -3.79
N3A FAD B . 7.02 2.09 -4.73
C4A FAD B . 7.00 3.39 -5.02
N1 FAD B . 3.82 3.27 -1.06
C2 FAD B . 2.75 2.43 -1.19
O2 FAD B . 2.20 2.26 -2.29
N3 FAD B . 2.27 1.75 -0.08
C4 FAD B . 2.77 1.86 1.20
O4 FAD B . 2.26 1.21 2.12
C4X FAD B . 3.88 2.78 1.34
N5 FAD B . 4.43 2.94 2.53
C5X FAD B . 5.51 3.81 2.65
C6 FAD B . 6.09 4.02 3.90
C7 FAD B . 7.17 4.88 4.06
C7M FAD B . 7.80 5.08 5.42
C8 FAD B . 7.68 5.57 2.94
C8M FAD B . 8.85 6.51 3.07
C9 FAD B . 7.10 5.37 1.68
C9A FAD B . 6.03 4.50 1.53
N10 FAD B . 5.39 4.34 0.27
C10 FAD B . 4.34 3.44 0.15
C1' FAD B . 6.01 4.88 -0.95
C2' FAD B . 5.57 6.26 -1.44
O2' FAD B . 5.61 7.27 -0.43
C3' FAD B . 4.24 6.13 -2.18
O3' FAD B . 4.32 5.03 -3.09
C4' FAD B . 3.93 7.40 -2.95
O4' FAD B . 4.00 8.49 -2.04
C5' FAD B . 2.55 7.29 -3.57
O5' FAD B . 2.26 8.52 -4.26
P FAD B . 2.10 8.53 -5.82
O1P FAD B . 1.22 7.40 -6.34
O2P FAD B . 1.71 9.94 -6.22
O3P FAD B . 3.58 8.22 -6.30
C1 PGE C . 12.85 3.49 -16.22
O1 PGE C . 14.14 3.35 -15.62
C2 PGE C . 12.77 2.70 -17.51
O2 PGE C . 12.72 1.31 -17.23
C3 PGE C . 12.83 0.46 -18.35
C4 PGE C . 13.07 -0.95 -17.84
O4 PGE C . 16.58 -2.39 -19.47
C6 PGE C . 15.46 -3.17 -19.06
C5 PGE C . 14.82 -2.60 -17.79
O3 PGE C . 14.45 -1.25 -17.98
C1 EDO D . 6.02 19.18 -2.72
O1 EDO D . 5.49 18.79 -3.99
C2 EDO D . 6.06 17.97 -1.80
O2 EDO D . 5.90 18.37 -0.44
C1 PEG E . 19.68 18.88 8.02
O1 PEG E . 18.74 19.92 7.93
C2 PEG E . 18.97 17.53 8.13
O2 PEG E . 18.98 16.81 6.92
C3 PEG E . 17.69 16.48 6.46
C4 PEG E . 17.67 16.09 4.99
O4 PEG E . 16.79 16.94 4.30
C1 PEG F . 3.37 21.56 -0.42
O1 PEG F . 4.65 21.14 -0.77
C2 PEG F . 3.11 21.27 1.06
O2 PEG F . 2.83 19.91 1.22
C3 PEG F . 3.48 19.32 2.32
C4 PEG F . 3.75 17.85 2.01
O4 PEG F . 2.92 17.07 2.83
C1 PEG G . -7.36 -0.63 0.68
O1 PEG G . -6.82 0.27 1.62
C2 PEG G . -8.52 -1.38 1.32
O2 PEG G . -8.03 -2.48 2.03
C3 PEG G . -8.99 -3.43 2.38
C4 PEG G . -8.34 -4.69 2.96
O4 PEG G . -7.70 -5.43 1.95
C1 PEG H . 17.48 -12.08 16.23
O1 PEG H . 16.68 -13.22 16.26
C2 PEG H . 17.50 -11.49 14.82
O2 PEG H . 18.21 -12.26 13.91
C3 PEG H . 18.48 -11.63 12.68
C4 PEG H . 18.93 -12.64 11.63
O4 PEG H . 18.22 -13.84 11.73
C1 GOL I . 12.98 5.66 -0.07
O1 GOL I . 11.64 5.98 0.18
C2 GOL I . 13.43 6.28 -1.43
O2 GOL I . 13.13 7.65 -1.61
C3 GOL I . 12.79 5.35 -2.45
O3 GOL I . 12.52 4.16 -1.75
#